data_2B18
#
_entry.id   2B18
#
_cell.length_a   34.696
_cell.length_b   86.081
_cell.length_c   54.819
_cell.angle_alpha   90.00
_cell.angle_beta   90.00
_cell.angle_gamma   90.00
#
_symmetry.space_group_name_H-M   'P 21 21 2'
#
loop_
_entity.id
_entity.type
_entity.pdbx_description
1 polymer 'GTP-sensing transcriptional pleiotropic repressor codY'
2 non-polymer ISOLEUCINE
3 water water
#
_entity_poly.entity_id   1
_entity_poly.type   'polypeptide(L)'
_entity_poly.pdbx_seq_one_letter_code
;GSSHHHHHHMALLQKTRIINSMLQAAAGKPVNFKEMAETLRDVIDSNIFVVSRRGKLLGYSINQQIENDRMKKMLEDRQF
PEEYTKNLFNVPETSSNLDINSEYTAFPVENRDLFQAGLTTIVPIIGGGERLGTLILSRLQDQFNDDDLILAEYGATVVG
MEIL
;
_entity_poly.pdbx_strand_id   A
#
# COMPACT_ATOMS: atom_id res chain seq x y z
N MET A 10 17.66 -10.79 -2.04
CA MET A 10 18.59 -9.75 -2.58
C MET A 10 18.87 -8.64 -1.53
N ALA A 11 20.02 -7.99 -1.66
CA ALA A 11 20.33 -6.90 -0.77
C ALA A 11 19.25 -5.83 -0.91
N LEU A 12 19.20 -4.94 0.07
CA LEU A 12 18.34 -3.79 -0.01
C LEU A 12 18.76 -2.90 -1.20
N LEU A 13 20.07 -2.79 -1.44
CA LEU A 13 20.58 -1.95 -2.52
C LEU A 13 20.06 -2.42 -3.88
N GLN A 14 19.94 -3.74 -4.04
CA GLN A 14 19.33 -4.30 -5.26
C GLN A 14 17.86 -3.90 -5.44
N LYS A 15 17.10 -3.94 -4.35
CA LYS A 15 15.68 -3.57 -4.33
C LYS A 15 15.47 -2.08 -4.56
N THR A 16 16.27 -1.23 -3.91
CA THR A 16 16.20 0.20 -4.16
C THR A 16 16.58 0.53 -5.64
N ARG A 17 17.54 -0.20 -6.19
CA ARG A 17 17.92 -0.04 -7.58
C ARG A 17 16.75 -0.38 -8.53
N ILE A 18 15.94 -1.37 -8.18
CA ILE A 18 14.73 -1.68 -8.96
C ILE A 18 13.72 -0.54 -8.95
N ILE A 19 13.45 0.03 -7.78
CA ILE A 19 12.58 1.19 -7.70
C ILE A 19 13.14 2.33 -8.51
N ASN A 20 14.44 2.59 -8.32
CA ASN A 20 15.10 3.70 -8.99
C ASN A 20 15.07 3.59 -10.49
N SER A 21 15.34 2.40 -10.99
CA SER A 21 15.28 2.14 -12.42
C SER A 21 13.91 2.45 -12.99
N MET A 22 12.86 2.07 -12.28
CA MET A 22 11.49 2.41 -12.64
C MET A 22 11.23 3.92 -12.65
N LEU A 23 11.63 4.63 -11.59
CA LEU A 23 11.40 6.06 -11.47
C LEU A 23 12.15 6.86 -12.53
N GLN A 24 13.36 6.40 -12.84
CA GLN A 24 14.23 7.04 -13.81
C GLN A 24 13.64 6.97 -15.21
N ALA A 25 13.03 5.84 -15.54
CA ALA A 25 12.38 5.65 -16.83
C ALA A 25 10.99 6.29 -16.87
N ALA A 26 10.28 6.26 -15.74
CA ALA A 26 8.90 6.74 -15.66
C ALA A 26 8.70 8.25 -15.93
N ALA A 27 9.75 9.04 -15.78
CA ALA A 27 9.70 10.45 -16.19
C ALA A 27 10.14 10.49 -17.64
N GLY A 28 9.58 11.37 -18.48
CA GLY A 28 8.42 12.19 -18.19
C GLY A 28 7.21 11.62 -18.91
N LYS A 29 7.05 10.29 -18.84
CA LYS A 29 5.81 9.65 -19.28
C LYS A 29 4.72 9.99 -18.28
N PRO A 30 3.44 9.98 -18.73
CA PRO A 30 2.33 10.21 -17.81
C PRO A 30 2.42 9.32 -16.58
N VAL A 31 2.06 9.87 -15.42
CA VAL A 31 2.18 9.15 -14.15
C VAL A 31 1.45 7.81 -14.22
N ASN A 32 2.12 6.77 -13.74
CA ASN A 32 1.58 5.41 -13.74
C ASN A 32 1.60 4.82 -12.33
N PHE A 33 0.47 4.95 -11.63
CA PHE A 33 0.39 4.46 -10.24
C PHE A 33 0.29 2.94 -10.17
N LYS A 34 -0.25 2.33 -11.22
CA LYS A 34 -0.24 0.88 -11.31
C LYS A 34 1.20 0.35 -11.35
N GLU A 35 2.04 1.01 -12.13
CA GLU A 35 3.44 0.60 -12.28
C GLU A 35 4.18 0.77 -10.96
N MET A 36 3.91 1.84 -10.24
CA MET A 36 4.54 2.04 -8.94
CA MET A 36 4.53 2.06 -8.91
C MET A 36 4.07 0.97 -7.96
N ALA A 37 2.77 0.67 -7.98
CA ALA A 37 2.23 -0.37 -7.08
C ALA A 37 2.83 -1.75 -7.41
N GLU A 38 2.96 -2.06 -8.69
CA GLU A 38 3.53 -3.36 -9.10
C GLU A 38 5.01 -3.48 -8.71
N THR A 39 5.75 -2.40 -8.91
CA THR A 39 7.17 -2.37 -8.54
C THR A 39 7.32 -2.59 -7.03
N LEU A 40 6.55 -1.87 -6.22
CA LEU A 40 6.60 -2.09 -4.78
C LEU A 40 6.15 -3.51 -4.39
N ARG A 41 5.12 -4.06 -5.03
CA ARG A 41 4.74 -5.44 -4.78
C ARG A 41 5.90 -6.38 -5.03
N ASP A 42 6.57 -6.17 -6.16
CA ASP A 42 7.70 -7.00 -6.55
C ASP A 42 8.84 -6.96 -5.52
N VAL A 43 9.18 -5.79 -5.00
CA VAL A 43 10.36 -5.67 -4.11
C VAL A 43 10.02 -5.86 -2.62
N ILE A 44 8.79 -5.59 -2.22
CA ILE A 44 8.39 -5.82 -0.83
C ILE A 44 7.67 -7.16 -0.63
N ASP A 45 7.24 -7.81 -1.71
CA ASP A 45 6.46 -9.05 -1.63
C ASP A 45 5.19 -8.91 -0.76
N SER A 46 4.31 -7.98 -1.16
CA SER A 46 3.09 -7.70 -0.44
C SER A 46 2.05 -7.17 -1.42
N ASN A 47 0.75 -7.30 -1.08
CA ASN A 47 -0.29 -6.51 -1.75
C ASN A 47 0.02 -5.03 -1.50
N ILE A 48 -0.28 -4.18 -2.49
CA ILE A 48 -0.01 -2.75 -2.42
C ILE A 48 -1.27 -2.03 -2.88
N PHE A 49 -1.75 -1.09 -2.06
CA PHE A 49 -2.87 -0.23 -2.40
C PHE A 49 -2.45 1.25 -2.16
N VAL A 50 -2.67 2.06 -3.18
CA VAL A 50 -2.43 3.49 -3.11
C VAL A 50 -3.80 4.16 -3.05
N VAL A 51 -4.11 4.68 -1.87
CA VAL A 51 -5.47 5.10 -1.52
C VAL A 51 -5.51 6.62 -1.31
N SER A 52 -6.42 7.27 -2.01
CA SER A 52 -6.63 8.72 -1.84
C SER A 52 -7.24 9.04 -0.49
N ARG A 53 -7.28 10.34 -0.18
CA ARG A 53 -7.91 10.85 1.03
C ARG A 53 -9.34 10.31 1.19
N ARG A 54 -10.06 10.21 0.08
CA ARG A 54 -11.45 9.74 0.11
C ARG A 54 -11.65 8.32 -0.44
N GLY A 55 -10.58 7.53 -0.48
CA GLY A 55 -10.73 6.10 -0.63
C GLY A 55 -10.59 5.57 -2.03
N LYS A 56 -10.36 6.44 -3.00
CA LYS A 56 -10.09 6.02 -4.37
C LYS A 56 -8.78 5.23 -4.47
N LEU A 57 -8.83 4.10 -5.17
CA LEU A 57 -7.62 3.32 -5.44
C LEU A 57 -6.94 3.93 -6.64
N LEU A 58 -5.95 4.75 -6.37
CA LEU A 58 -5.17 5.39 -7.41
C LEU A 58 -4.37 4.35 -8.18
N GLY A 59 -3.98 3.29 -7.48
CA GLY A 59 -3.29 2.17 -8.09
C GLY A 59 -3.22 1.05 -7.06
N TYR A 60 -3.10 -0.18 -7.54
CA TYR A 60 -2.94 -1.31 -6.66
C TYR A 60 -2.28 -2.46 -7.38
N SER A 61 -1.76 -3.40 -6.60
CA SER A 61 -1.13 -4.60 -7.12
C SER A 61 -1.30 -5.67 -6.10
N ILE A 62 -1.92 -6.76 -6.53
CA ILE A 62 -2.22 -7.91 -5.68
C ILE A 62 -1.13 -8.96 -5.84
N ASN A 63 -0.69 -9.43 -4.69
CA ASN A 63 0.29 -10.47 -4.56
C ASN A 63 -0.40 -11.82 -4.32
N GLN A 64 -1.59 -11.80 -3.70
CA GLN A 64 -2.41 -13.00 -3.42
C GLN A 64 -3.85 -12.89 -3.95
N GLN A 65 -4.32 -13.87 -4.72
CA GLN A 65 -5.68 -13.87 -5.26
C GLN A 65 -6.68 -13.59 -4.16
N ILE A 66 -7.70 -12.81 -4.51
CA ILE A 66 -8.75 -12.40 -3.59
C ILE A 66 -9.91 -13.36 -3.75
N GLU A 67 -10.23 -14.11 -2.70
CA GLU A 67 -11.43 -14.96 -2.67
C GLU A 67 -12.39 -14.36 -1.64
N ASN A 68 -12.75 -13.12 -1.89
CA ASN A 68 -13.78 -12.48 -1.12
C ASN A 68 -14.46 -11.54 -2.08
N ASP A 69 -15.74 -11.79 -2.32
CA ASP A 69 -16.47 -11.05 -3.35
C ASP A 69 -16.53 -9.56 -3.06
N ARG A 70 -16.74 -9.20 -1.79
CA ARG A 70 -16.78 -7.81 -1.37
C ARG A 70 -15.44 -7.09 -1.61
N MET A 71 -14.32 -7.77 -1.35
CA MET A 71 -13.01 -7.21 -1.69
C MET A 71 -12.77 -7.13 -3.20
N LYS A 72 -13.11 -8.17 -3.94
CA LYS A 72 -12.94 -8.12 -5.39
C LYS A 72 -13.78 -6.97 -5.99
N LYS A 73 -14.95 -6.71 -5.41
CA LYS A 73 -15.77 -5.57 -5.81
C LYS A 73 -15.05 -4.24 -5.60
N MET A 74 -14.41 -4.07 -4.45
CA MET A 74 -13.67 -2.82 -4.19
C MET A 74 -12.60 -2.56 -5.26
N LEU A 75 -11.90 -3.61 -5.68
CA LEU A 75 -10.86 -3.48 -6.73
C LEU A 75 -11.47 -3.05 -8.04
N GLU A 76 -12.52 -3.75 -8.46
CA GLU A 76 -13.24 -3.39 -9.68
C GLU A 76 -13.74 -1.97 -9.63
N ASP A 77 -14.39 -1.60 -8.53
CA ASP A 77 -14.82 -0.23 -8.31
C ASP A 77 -13.66 0.79 -8.12
N ARG A 78 -12.44 0.32 -7.82
CA ARG A 78 -11.28 1.19 -7.52
C ARG A 78 -11.62 2.11 -6.37
N GLN A 79 -12.24 1.56 -5.32
CA GLN A 79 -12.73 2.36 -4.20
C GLN A 79 -12.84 1.53 -2.93
N PHE A 80 -12.20 2.00 -1.84
CA PHE A 80 -12.29 1.40 -0.50
C PHE A 80 -13.43 2.01 0.30
N PRO A 81 -13.90 1.32 1.37
CA PRO A 81 -15.08 1.76 2.13
C PRO A 81 -14.87 3.09 2.87
N GLU A 82 -15.98 3.83 3.05
CA GLU A 82 -15.96 5.17 3.62
C GLU A 82 -15.38 5.23 5.02
N GLU A 83 -15.93 4.44 5.94
CA GLU A 83 -15.52 4.53 7.33
C GLU A 83 -14.05 4.11 7.46
N TYR A 84 -13.70 3.00 6.82
CA TYR A 84 -12.31 2.52 6.81
C TYR A 84 -11.38 3.61 6.34
N THR A 85 -11.75 4.23 5.23
CA THR A 85 -10.93 5.27 4.62
C THR A 85 -10.81 6.50 5.52
N LYS A 86 -11.92 6.95 6.13
CA LYS A 86 -11.84 8.12 7.02
C LYS A 86 -10.91 7.86 8.22
N ASN A 87 -10.89 6.62 8.70
CA ASN A 87 -10.13 6.28 9.91
CA ASN A 87 -10.15 6.25 9.90
C ASN A 87 -8.62 6.24 9.67
N LEU A 88 -8.20 6.11 8.43
CA LEU A 88 -6.78 6.11 8.12
C LEU A 88 -6.11 7.41 8.54
N PHE A 89 -6.84 8.51 8.49
CA PHE A 89 -6.33 9.79 8.97
C PHE A 89 -5.90 9.75 10.44
N ASN A 90 -6.46 8.84 11.24
CA ASN A 90 -6.09 8.72 12.65
C ASN A 90 -4.70 8.12 12.89
N VAL A 91 -4.04 7.69 11.82
CA VAL A 91 -2.72 7.13 11.91
C VAL A 91 -1.76 8.15 11.28
N PRO A 92 -1.02 8.89 12.09
CA PRO A 92 -0.22 9.99 11.57
C PRO A 92 1.18 9.62 11.02
N GLU A 93 1.73 8.50 11.47
CA GLU A 93 3.03 8.00 11.04
C GLU A 93 2.86 6.55 10.64
N THR A 94 3.89 6.01 9.99
CA THR A 94 3.87 4.59 9.63
C THR A 94 3.57 3.68 10.82
N SER A 95 2.66 2.73 10.63
CA SER A 95 2.34 1.73 11.66
C SER A 95 2.30 0.37 10.95
N SER A 96 3.26 -0.45 11.33
CA SER A 96 3.51 -1.70 10.64
C SER A 96 3.06 -2.91 11.46
N ASN A 97 2.84 -4.00 10.74
CA ASN A 97 2.56 -5.29 11.33
C ASN A 97 1.29 -5.30 12.17
N LEU A 98 0.27 -4.59 11.71
CA LEU A 98 -1.05 -4.58 12.35
C LEU A 98 -1.79 -5.84 11.95
N ASP A 99 -2.27 -6.54 12.97
CA ASP A 99 -2.81 -7.90 12.82
C ASP A 99 -4.27 -7.87 12.43
N ILE A 100 -4.85 -9.07 12.30
CA ILE A 100 -6.20 -9.22 11.77
C ILE A 100 -7.27 -8.54 12.62
N ASN A 101 -6.99 -8.31 13.90
CA ASN A 101 -7.95 -7.72 14.83
C ASN A 101 -7.91 -6.18 14.84
N SER A 102 -6.93 -5.62 14.15
CA SER A 102 -6.81 -4.17 14.06
C SER A 102 -7.94 -3.62 13.22
N GLU A 103 -8.50 -2.48 13.64
CA GLU A 103 -9.47 -1.74 12.80
C GLU A 103 -8.86 -1.34 11.46
N TYR A 104 -7.51 -1.25 11.38
CA TYR A 104 -6.85 -0.86 10.17
C TYR A 104 -6.51 -2.01 9.22
N THR A 105 -6.85 -3.24 9.58
CA THR A 105 -6.47 -4.39 8.76
C THR A 105 -7.00 -4.24 7.32
N ALA A 106 -6.19 -4.68 6.35
CA ALA A 106 -6.54 -4.65 4.94
C ALA A 106 -7.20 -5.95 4.49
N PHE A 107 -7.41 -6.87 5.43
CA PHE A 107 -8.13 -8.12 5.14
C PHE A 107 -9.63 -8.02 5.49
N PRO A 108 -10.49 -8.74 4.74
CA PRO A 108 -11.94 -8.61 5.00
C PRO A 108 -12.32 -9.26 6.31
N VAL A 109 -12.99 -8.50 7.17
CA VAL A 109 -13.28 -8.94 8.53
C VAL A 109 -14.14 -10.20 8.60
N GLU A 110 -14.93 -10.48 7.57
CA GLU A 110 -15.78 -11.68 7.60
C GLU A 110 -14.92 -12.95 7.42
N ASN A 111 -13.68 -12.79 6.96
CA ASN A 111 -12.74 -13.90 6.81
C ASN A 111 -11.56 -13.83 7.78
N ARG A 112 -11.78 -13.27 8.96
CA ARG A 112 -10.75 -13.19 10.00
C ARG A 112 -10.12 -14.55 10.31
N ASP A 113 -10.92 -15.60 10.29
CA ASP A 113 -10.42 -16.91 10.68
C ASP A 113 -9.43 -17.39 9.64
N LEU A 114 -9.81 -17.26 8.39
CA LEU A 114 -8.95 -17.69 7.30
C LEU A 114 -7.67 -16.85 7.22
N PHE A 115 -7.79 -15.56 7.53
CA PHE A 115 -6.67 -14.63 7.43
C PHE A 115 -6.10 -14.29 8.78
N GLN A 116 -6.10 -15.26 9.69
CA GLN A 116 -5.61 -15.05 11.07
C GLN A 116 -4.16 -14.53 11.10
N ALA A 117 -3.38 -14.91 10.09
CA ALA A 117 -1.97 -14.55 10.02
C ALA A 117 -1.71 -13.29 9.17
N GLY A 118 -2.77 -12.64 8.71
CA GLY A 118 -2.67 -11.46 7.87
C GLY A 118 -2.14 -10.23 8.59
N LEU A 119 -1.17 -9.60 7.96
CA LEU A 119 -0.47 -8.44 8.53
C LEU A 119 -0.59 -7.25 7.59
N THR A 120 -0.78 -6.07 8.16
CA THR A 120 -1.07 -4.85 7.43
C THR A 120 -0.13 -3.74 7.92
N THR A 121 0.41 -2.99 6.96
CA THR A 121 1.24 -1.81 7.25
C THR A 121 0.60 -0.58 6.60
N ILE A 122 0.43 0.46 7.38
CA ILE A 122 -0.22 1.70 6.97
C ILE A 122 0.85 2.77 6.91
N VAL A 123 1.03 3.37 5.74
CA VAL A 123 2.04 4.40 5.49
C VAL A 123 1.40 5.67 4.93
N PRO A 124 1.26 6.68 5.79
CA PRO A 124 0.74 7.98 5.28
C PRO A 124 1.51 8.49 4.07
N ILE A 125 0.78 8.95 3.05
CA ILE A 125 1.38 9.64 1.94
C ILE A 125 1.25 11.13 2.19
N ILE A 126 2.39 11.82 2.25
CA ILE A 126 2.43 13.22 2.63
C ILE A 126 3.24 14.04 1.62
N GLY A 127 2.79 15.26 1.36
CA GLY A 127 2.87 15.84 0.04
C GLY A 127 3.16 17.32 0.06
N GLY A 128 3.16 17.90 1.26
CA GLY A 128 3.42 19.32 1.42
C GLY A 128 2.86 19.87 2.71
N GLY A 129 3.16 19.19 3.82
CA GLY A 129 2.44 19.40 5.06
C GLY A 129 1.03 18.85 5.02
N GLU A 130 0.67 18.24 3.90
CA GLU A 130 -0.68 17.74 3.70
C GLU A 130 -0.65 16.21 3.57
N ARG A 131 -1.58 15.55 4.25
CA ARG A 131 -1.86 14.13 4.08
C ARG A 131 -2.59 13.98 2.74
N LEU A 132 -1.95 13.35 1.75
CA LEU A 132 -2.51 13.19 0.41
C LEU A 132 -3.19 11.86 0.17
N GLY A 133 -2.98 10.92 1.07
CA GLY A 133 -3.51 9.57 0.91
C GLY A 133 -2.76 8.62 1.81
N THR A 134 -2.90 7.34 1.51
CA THR A 134 -2.27 6.27 2.29
C THR A 134 -1.79 5.18 1.38
N LEU A 135 -0.59 4.68 1.67
CA LEU A 135 -0.05 3.51 1.05
C LEU A 135 -0.27 2.34 2.05
N ILE A 136 -1.02 1.34 1.59
CA ILE A 136 -1.29 0.16 2.41
C ILE A 136 -0.59 -1.07 1.82
N LEU A 137 0.08 -1.78 2.71
CA LEU A 137 0.76 -3.04 2.39
C LEU A 137 0.14 -4.16 3.23
N SER A 138 -0.07 -5.32 2.62
CA SER A 138 -0.59 -6.45 3.35
C SER A 138 -0.03 -7.74 2.81
N ARG A 139 0.17 -8.68 3.73
CA ARG A 139 0.57 -10.05 3.40
C ARG A 139 0.36 -10.99 4.60
N LEU A 140 0.53 -12.29 4.33
CA LEU A 140 0.37 -13.31 5.31
C LEU A 140 1.68 -13.66 5.97
N GLN A 141 1.61 -13.79 7.31
CA GLN A 141 2.58 -14.52 8.15
C GLN A 141 3.93 -13.84 8.40
N ASP A 142 4.55 -13.31 7.36
CA ASP A 142 5.89 -12.76 7.45
C ASP A 142 5.85 -11.32 7.87
N GLN A 143 6.36 -11.08 9.07
CA GLN A 143 6.46 -9.73 9.62
C GLN A 143 7.25 -8.81 8.69
N PHE A 144 6.77 -7.58 8.55
CA PHE A 144 7.52 -6.52 7.90
C PHE A 144 8.71 -6.14 8.77
N ASN A 145 9.84 -5.90 8.14
CA ASN A 145 11.07 -5.49 8.85
C ASN A 145 11.53 -4.09 8.44
N ASP A 146 12.69 -3.66 8.97
CA ASP A 146 13.22 -2.34 8.63
C ASP A 146 13.40 -2.10 7.14
N ASP A 147 13.90 -3.12 6.44
CA ASP A 147 14.12 -2.98 4.98
C ASP A 147 12.81 -2.74 4.27
N ASP A 148 11.78 -3.46 4.67
CA ASP A 148 10.45 -3.28 4.08
C ASP A 148 9.94 -1.85 4.31
N LEU A 149 10.16 -1.33 5.51
CA LEU A 149 9.72 0.03 5.83
C LEU A 149 10.46 1.09 5.02
N ILE A 150 11.76 0.88 4.88
CA ILE A 150 12.57 1.76 4.03
C ILE A 150 11.97 1.81 2.66
N LEU A 151 11.71 0.65 2.06
CA LEU A 151 11.11 0.60 0.72
C LEU A 151 9.69 1.16 0.67
N ALA A 152 8.86 0.85 1.66
CA ALA A 152 7.48 1.37 1.69
C ALA A 152 7.44 2.91 1.78
N GLU A 153 8.27 3.46 2.66
CA GLU A 153 8.31 4.91 2.87
C GLU A 153 8.91 5.65 1.70
N TYR A 154 9.86 5.02 1.00
N TYR A 154 9.89 5.01 1.07
CA TYR A 154 10.41 5.58 -0.22
CA TYR A 154 10.52 5.40 -0.19
C TYR A 154 9.29 5.63 -1.23
C TYR A 154 9.41 5.56 -1.23
N GLY A 155 8.61 4.51 -1.40
CA GLY A 155 7.45 4.48 -2.29
C GLY A 155 6.39 5.52 -1.97
N ALA A 156 6.00 5.62 -0.70
CA ALA A 156 4.98 6.60 -0.28
C ALA A 156 5.43 8.03 -0.57
N THR A 157 6.70 8.30 -0.33
CA THR A 157 7.26 9.63 -0.56
C THR A 157 7.22 9.98 -2.05
N VAL A 158 7.72 9.08 -2.89
CA VAL A 158 7.73 9.31 -4.33
C VAL A 158 6.31 9.29 -4.89
N VAL A 159 5.47 8.37 -4.44
CA VAL A 159 4.05 8.44 -4.81
C VAL A 159 3.48 9.82 -4.48
N GLY A 160 3.78 10.34 -3.28
CA GLY A 160 3.37 11.70 -2.91
C GLY A 160 3.87 12.76 -3.89
N MET A 161 5.11 12.61 -4.35
CA MET A 161 5.62 13.46 -5.43
C MET A 161 4.86 13.20 -6.76
N GLU A 162 4.74 11.93 -7.19
CA GLU A 162 4.04 11.63 -8.46
C GLU A 162 2.53 11.92 -8.40
N ILE A 163 1.96 11.93 -7.19
CA ILE A 163 0.56 12.42 -6.98
C ILE A 163 0.46 13.90 -7.37
N LEU A 164 1.38 14.72 -6.85
CA LEU A 164 1.41 16.12 -7.25
C LEU A 164 1.88 16.28 -8.71
#